data_1NOF
#
_entry.id   1NOF
#
_cell.length_a   39.368
_cell.length_b   49.580
_cell.length_c   91.009
_cell.angle_alpha   90.00
_cell.angle_beta   101.66
_cell.angle_gamma   90.00
#
_symmetry.space_group_name_H-M   'P 1 21 1'
#
loop_
_entity.id
_entity.type
_entity.pdbx_description
1 polymer xylanase
2 non-polymer 'ACETATE ION'
3 water water
#
_entity_poly.entity_id   1
_entity_poly.type   'polypeptide(L)'
_entity_poly.pdbx_seq_one_letter_code
;DTVKIDANVNYQIIQGFGGMSGVGWINDLTTEQINTAYGSGVGQIGLSIMRVRIDPDSSKWNIQLPSARQAVSLGAKIMA
TPWSPPAYMKSNNSLINGGRLLPANYSAYTSHLLDFSKYMQTNGAPLYAISIQNEPDWKPDYESCEWSGDEFKSYLKSQG
SKFGSLKVIVAESLGFNPALTDPVLKDSDASKYVSIIGGHLYGTTPKPYPLAQNAGKQLWMTEHYVDSKQSANNWTSAIE
VGTELNASMVSNYSAYVWWYIRRSYGLLTEDGKVSKRGYVMSQYARFVRPGALRIQATENPQSNVHLTAYKNTDGKMVIV
AVNTNDSDQMLSLNISNANVTKFEKYSTSASLNVEYGGSSQVDSSGKATVWLNPLSVTTFVSK
;
_entity_poly.pdbx_strand_id   A
#
# COMPACT_ATOMS: atom_id res chain seq x y z
N ASP A 1 -19.45 18.04 -13.86
CA ASP A 1 -18.62 18.74 -14.86
C ASP A 1 -17.81 17.71 -15.66
N THR A 2 -17.02 18.21 -16.60
CA THR A 2 -16.33 17.31 -17.51
C THR A 2 -15.09 16.66 -16.92
N VAL A 3 -14.96 15.39 -17.25
CA VAL A 3 -13.77 14.57 -16.98
C VAL A 3 -13.24 14.06 -18.32
N LYS A 4 -12.05 14.45 -18.69
CA LYS A 4 -11.27 14.01 -19.84
C LYS A 4 -10.33 12.86 -19.43
N ILE A 5 -10.47 11.77 -20.15
CA ILE A 5 -9.68 10.57 -19.97
C ILE A 5 -9.00 10.15 -21.26
N ASP A 6 -7.70 9.86 -21.11
CA ASP A 6 -6.93 9.40 -22.25
C ASP A 6 -6.21 8.14 -21.85
N ALA A 7 -6.72 7.05 -22.42
CA ALA A 7 -6.12 5.76 -22.07
C ALA A 7 -4.73 5.61 -22.67
N ASN A 8 -4.22 6.48 -23.55
CA ASN A 8 -2.87 6.33 -24.07
C ASN A 8 -1.81 7.10 -23.28
N VAL A 9 -2.22 7.76 -22.21
CA VAL A 9 -1.23 8.39 -21.32
C VAL A 9 -1.18 7.64 -19.99
N ASN A 10 -0.03 7.09 -19.65
CA ASN A 10 0.15 6.19 -18.53
C ASN A 10 1.05 6.82 -17.48
N TYR A 11 0.74 6.44 -16.26
CA TYR A 11 1.53 6.80 -15.08
C TYR A 11 2.11 5.53 -14.47
N GLN A 12 1.91 5.30 -13.19
CA GLN A 12 2.57 4.15 -12.56
C GLN A 12 1.83 2.87 -12.82
N ILE A 13 2.56 1.77 -12.70
CA ILE A 13 1.97 0.45 -12.57
C ILE A 13 1.52 0.24 -11.13
N ILE A 14 0.40 -0.37 -10.94
CA ILE A 14 -0.10 -0.77 -9.63
C ILE A 14 0.31 -2.17 -9.24
N GLN A 15 1.07 -2.27 -8.15
CA GLN A 15 1.41 -3.59 -7.60
C GLN A 15 0.30 -4.13 -6.72
N GLY A 16 -0.43 -3.29 -6.00
CA GLY A 16 -1.54 -3.72 -5.20
C GLY A 16 -1.70 -2.99 -3.88
N PHE A 17 -2.61 -3.57 -3.11
CA PHE A 17 -3.05 -3.03 -1.83
C PHE A 17 -2.82 -4.09 -0.76
N GLY A 18 -2.39 -3.63 0.44
CA GLY A 18 -2.06 -4.61 1.44
C GLY A 18 -2.40 -4.19 2.85
N GLY A 19 -1.96 -5.02 3.81
CA GLY A 19 -2.11 -4.73 5.22
C GLY A 19 -1.07 -5.55 6.00
N MET A 20 -1.01 -5.25 7.27
CA MET A 20 -0.05 -5.80 8.21
C MET A 20 -0.61 -7.05 8.91
N SER A 21 0.19 -8.06 8.92
CA SER A 21 0.00 -9.24 9.73
C SER A 21 0.65 -9.00 11.10
N GLY A 22 -0.11 -8.94 12.18
CA GLY A 22 0.41 -8.49 13.47
C GLY A 22 0.75 -9.57 14.46
N VAL A 23 0.60 -10.83 14.13
CA VAL A 23 0.94 -11.92 15.06
C VAL A 23 2.30 -11.70 15.74
N GLY A 24 2.31 -11.89 17.06
CA GLY A 24 3.49 -11.57 17.85
C GLY A 24 3.30 -10.31 18.67
N TRP A 25 2.55 -9.35 18.15
CA TRP A 25 2.16 -8.16 18.86
C TRP A 25 0.66 -8.15 19.18
N ILE A 26 -0.13 -8.71 18.27
CA ILE A 26 -1.57 -8.86 18.48
C ILE A 26 -1.94 -10.27 18.06
N ASN A 27 -3.21 -10.67 18.28
CA ASN A 27 -3.57 -12.03 17.94
C ASN A 27 -3.47 -12.24 16.44
N ASP A 28 -3.11 -13.45 16.04
CA ASP A 28 -3.07 -13.80 14.63
C ASP A 28 -4.44 -13.71 13.94
N LEU A 29 -4.36 -13.54 12.63
CA LEU A 29 -5.52 -13.70 11.78
C LEU A 29 -5.92 -15.16 11.71
N THR A 30 -7.21 -15.41 11.52
CA THR A 30 -7.66 -16.76 11.21
C THR A 30 -7.70 -16.99 9.69
N THR A 31 -7.83 -18.25 9.31
CA THR A 31 -7.82 -18.56 7.90
C THR A 31 -9.00 -17.88 7.20
N GLU A 32 -10.17 -17.91 7.86
CA GLU A 32 -11.34 -17.26 7.30
C GLU A 32 -11.09 -15.78 7.07
N GLN A 33 -10.44 -15.12 8.02
CA GLN A 33 -10.16 -13.69 7.94
C GLN A 33 -9.20 -13.38 6.80
N ILE A 34 -8.21 -14.22 6.61
CA ILE A 34 -7.29 -14.04 5.48
C ILE A 34 -8.03 -14.24 4.16
N ASN A 35 -8.88 -15.24 4.07
CA ASN A 35 -9.62 -15.46 2.81
C ASN A 35 -10.51 -14.26 2.48
N THR A 36 -11.12 -13.66 3.52
CA THR A 36 -11.96 -12.49 3.31
C THR A 36 -11.12 -11.30 2.83
N ALA A 37 -9.95 -11.11 3.42
CA ALA A 37 -9.11 -9.99 3.05
C ALA A 37 -8.39 -10.14 1.72
N TYR A 38 -7.96 -11.34 1.35
CA TYR A 38 -7.08 -11.60 0.22
C TYR A 38 -7.85 -12.21 -0.95
N GLY A 39 -9.09 -12.62 -0.78
CA GLY A 39 -9.92 -12.91 -1.96
C GLY A 39 -10.36 -11.63 -2.66
N SER A 40 -10.90 -11.75 -3.86
CA SER A 40 -11.22 -10.55 -4.61
C SER A 40 -12.64 -10.57 -5.16
N GLY A 41 -13.45 -11.45 -4.59
CA GLY A 41 -14.84 -11.62 -4.96
C GLY A 41 -15.78 -10.77 -4.14
N VAL A 42 -17.07 -10.96 -4.35
CA VAL A 42 -18.07 -10.25 -3.56
C VAL A 42 -17.87 -10.48 -2.07
N GLY A 43 -17.86 -9.38 -1.29
CA GLY A 43 -17.72 -9.52 0.14
C GLY A 43 -16.29 -9.56 0.63
N GLN A 44 -15.33 -9.51 -0.30
CA GLN A 44 -13.92 -9.64 0.04
C GLN A 44 -13.19 -8.34 -0.31
N ILE A 45 -12.02 -8.15 0.29
CA ILE A 45 -11.35 -6.86 0.12
C ILE A 45 -10.45 -6.75 -1.10
N GLY A 46 -9.77 -7.80 -1.53
CA GLY A 46 -8.91 -7.74 -2.67
C GLY A 46 -7.48 -7.38 -2.39
N LEU A 47 -7.02 -7.48 -1.14
CA LEU A 47 -5.61 -7.26 -0.87
C LEU A 47 -4.75 -8.28 -1.61
N SER A 48 -3.54 -7.86 -1.93
CA SER A 48 -2.57 -8.76 -2.55
C SER A 48 -1.15 -8.55 -2.06
N ILE A 49 -0.98 -7.82 -0.95
CA ILE A 49 0.30 -7.62 -0.32
C ILE A 49 0.08 -7.86 1.17
N MET A 50 0.95 -8.65 1.78
CA MET A 50 0.96 -8.79 3.24
C MET A 50 2.34 -8.36 3.76
N ARG A 51 2.35 -7.51 4.77
CA ARG A 51 3.57 -7.09 5.44
C ARG A 51 3.70 -7.88 6.73
N VAL A 52 4.92 -8.29 7.05
CA VAL A 52 5.26 -9.08 8.25
C VAL A 52 6.46 -8.41 8.94
N ARG A 53 6.51 -8.56 10.26
CA ARG A 53 7.62 -8.04 11.04
C ARG A 53 8.66 -9.14 11.18
N ILE A 54 9.93 -8.72 11.10
CA ILE A 54 11.06 -9.59 11.41
C ILE A 54 11.49 -9.43 12.87
N ASP A 55 11.09 -10.39 13.74
CA ASP A 55 11.53 -10.28 15.13
C ASP A 55 13.05 -10.42 15.24
N PRO A 56 13.75 -9.59 16.03
CA PRO A 56 15.19 -9.79 16.18
C PRO A 56 15.49 -11.14 16.83
N ASP A 57 14.57 -11.80 17.50
CA ASP A 57 14.76 -13.12 18.07
C ASP A 57 14.25 -14.16 17.08
N SER A 58 15.14 -14.92 16.47
CA SER A 58 14.74 -15.82 15.41
C SER A 58 14.04 -17.08 15.93
N SER A 59 14.03 -17.30 17.24
CA SER A 59 13.24 -18.40 17.81
C SER A 59 11.74 -18.14 17.68
N LYS A 60 11.37 -16.90 17.33
CA LYS A 60 9.96 -16.51 17.23
C LYS A 60 9.45 -16.45 15.80
N TRP A 61 10.32 -16.67 14.81
CA TRP A 61 9.92 -16.51 13.41
C TRP A 61 8.83 -17.47 12.99
N ASN A 62 8.79 -18.65 13.63
CA ASN A 62 7.81 -19.63 13.22
C ASN A 62 6.37 -19.16 13.32
N ILE A 63 6.03 -18.27 14.24
CA ILE A 63 4.64 -17.84 14.41
C ILE A 63 4.11 -17.06 13.21
N GLN A 64 5.02 -16.60 12.35
CA GLN A 64 4.63 -15.84 11.17
C GLN A 64 4.12 -16.71 10.02
N LEU A 65 4.42 -18.01 10.09
CA LEU A 65 4.22 -18.83 8.90
C LEU A 65 2.77 -19.14 8.52
N PRO A 66 1.89 -19.48 9.44
CA PRO A 66 0.53 -19.81 9.00
C PRO A 66 -0.13 -18.68 8.17
N SER A 67 -0.01 -17.43 8.61
CA SER A 67 -0.71 -16.37 7.88
C SER A 67 0.03 -16.05 6.59
N ALA A 68 1.36 -16.07 6.65
CA ALA A 68 2.13 -15.77 5.44
C ALA A 68 1.91 -16.83 4.38
N ARG A 69 1.90 -18.11 4.76
CA ARG A 69 1.60 -19.17 3.83
C ARG A 69 0.23 -18.99 3.24
N GLN A 70 -0.78 -18.66 4.04
CA GLN A 70 -2.13 -18.59 3.47
C GLN A 70 -2.19 -17.47 2.42
N ALA A 71 -1.55 -16.35 2.78
CA ALA A 71 -1.57 -15.22 1.87
C ALA A 71 -0.92 -15.53 0.53
N VAL A 72 0.20 -16.22 0.59
CA VAL A 72 0.92 -16.61 -0.61
C VAL A 72 0.07 -17.59 -1.41
N SER A 73 -0.63 -18.47 -0.71
CA SER A 73 -1.50 -19.42 -1.39
C SER A 73 -2.58 -18.68 -2.20
N LEU A 74 -3.03 -17.55 -1.67
CA LEU A 74 -4.04 -16.73 -2.30
C LEU A 74 -3.47 -15.71 -3.27
N GLY A 75 -2.20 -15.84 -3.63
CA GLY A 75 -1.61 -15.01 -4.65
C GLY A 75 -0.94 -13.76 -4.16
N ALA A 76 -0.83 -13.54 -2.85
CA ALA A 76 -0.24 -12.31 -2.35
C ALA A 76 1.28 -12.33 -2.38
N LYS A 77 1.83 -11.13 -2.43
CA LYS A 77 3.25 -10.89 -2.25
C LYS A 77 3.53 -10.52 -0.79
N ILE A 78 4.62 -11.04 -0.25
CA ILE A 78 4.99 -10.75 1.13
C ILE A 78 6.13 -9.74 1.17
N MET A 79 5.99 -8.69 1.96
CA MET A 79 7.13 -7.83 2.26
C MET A 79 7.43 -7.94 3.74
N ALA A 80 8.68 -7.85 4.11
CA ALA A 80 9.12 -7.95 5.49
C ALA A 80 9.89 -6.71 5.95
N THR A 81 9.51 -6.26 7.15
CA THR A 81 10.14 -5.10 7.79
C THR A 81 10.69 -5.47 9.14
N PRO A 82 11.96 -5.16 9.37
CA PRO A 82 12.51 -5.21 10.73
C PRO A 82 12.30 -3.90 11.47
N TRP A 83 11.86 -3.91 12.71
CA TRP A 83 11.80 -2.73 13.57
C TRP A 83 13.13 -2.49 14.29
N SER A 84 13.86 -3.54 14.62
CA SER A 84 15.18 -3.35 15.24
C SER A 84 16.06 -4.56 14.90
N PRO A 85 17.34 -4.31 14.72
CA PRO A 85 18.30 -5.39 14.85
C PRO A 85 18.30 -5.92 16.29
N PRO A 86 18.89 -7.10 16.50
CA PRO A 86 19.11 -7.56 17.88
C PRO A 86 19.89 -6.49 18.66
N ALA A 87 19.57 -6.43 19.96
CA ALA A 87 20.11 -5.40 20.83
C ALA A 87 21.64 -5.34 20.78
N TYR A 88 22.25 -6.52 20.73
CA TYR A 88 23.68 -6.69 20.88
C TYR A 88 24.41 -6.25 19.60
N MET A 89 23.69 -5.85 18.56
CA MET A 89 24.29 -5.25 17.36
C MET A 89 24.27 -3.73 17.38
N LYS A 90 23.62 -3.16 18.41
CA LYS A 90 23.39 -1.72 18.40
C LYS A 90 24.22 -0.97 19.39
N SER A 91 24.36 0.34 19.18
CA SER A 91 25.17 1.16 20.05
C SER A 91 24.64 1.27 21.46
N ASN A 92 23.36 1.10 21.76
CA ASN A 92 22.74 1.23 23.08
C ASN A 92 22.44 -0.10 23.74
N ASN A 93 22.80 -1.23 23.11
CA ASN A 93 22.55 -2.58 23.57
C ASN A 93 21.12 -2.77 24.10
N SER A 94 20.16 -2.27 23.30
CA SER A 94 18.76 -2.28 23.69
C SER A 94 17.93 -2.38 22.43
N LEU A 95 16.75 -2.98 22.50
CA LEU A 95 15.86 -2.95 21.35
C LEU A 95 15.10 -1.66 21.14
N ILE A 96 15.03 -0.85 22.20
CA ILE A 96 14.08 0.26 22.20
C ILE A 96 14.75 1.63 22.29
N ASN A 97 14.00 2.69 22.03
CA ASN A 97 14.44 4.08 22.10
C ASN A 97 15.63 4.30 21.17
N GLY A 98 15.46 3.76 19.96
CA GLY A 98 16.47 3.97 18.94
C GLY A 98 17.72 3.18 19.17
N GLY A 99 18.88 3.85 19.03
CA GLY A 99 20.15 3.20 18.99
C GLY A 99 20.56 2.96 17.55
N ARG A 100 21.84 3.11 17.24
CA ARG A 100 22.37 2.89 15.91
C ARG A 100 22.91 1.48 15.68
N LEU A 101 22.71 0.95 14.47
CA LEU A 101 23.38 -0.28 14.07
C LEU A 101 24.86 0.03 13.92
N LEU A 102 25.71 -0.67 14.69
CA LEU A 102 27.14 -0.37 14.65
C LEU A 102 27.69 -0.78 13.28
N PRO A 103 28.46 0.07 12.63
CA PRO A 103 29.01 -0.28 11.33
C PRO A 103 29.75 -1.59 11.28
N ALA A 104 30.43 -1.97 12.39
CA ALA A 104 31.12 -3.24 12.38
C ALA A 104 30.13 -4.40 12.20
N ASN A 105 28.84 -4.19 12.44
CA ASN A 105 27.85 -5.24 12.40
C ASN A 105 27.04 -5.21 11.11
N TYR A 106 27.44 -4.38 10.13
CA TYR A 106 26.60 -4.36 8.92
C TYR A 106 26.51 -5.71 8.23
N SER A 107 27.59 -6.46 8.07
CA SER A 107 27.49 -7.80 7.48
C SER A 107 26.68 -8.76 8.33
N ALA A 108 26.87 -8.74 9.66
CA ALA A 108 26.06 -9.59 10.52
C ALA A 108 24.58 -9.32 10.38
N TYR A 109 24.24 -8.04 10.26
CA TYR A 109 22.82 -7.68 10.19
C TYR A 109 22.25 -8.18 8.88
N THR A 110 23.05 -8.04 7.83
CA THR A 110 22.60 -8.60 6.55
C THR A 110 22.34 -10.07 6.62
N SER A 111 23.20 -10.81 7.30
CA SER A 111 23.05 -12.25 7.50
C SER A 111 21.74 -12.55 8.25
N HIS A 112 21.42 -11.77 9.24
CA HIS A 112 20.17 -11.91 10.00
C HIS A 112 18.97 -11.78 9.04
N LEU A 113 18.95 -10.74 8.22
CA LEU A 113 17.86 -10.48 7.28
C LEU A 113 17.72 -11.62 6.27
N LEU A 114 18.84 -12.07 5.75
CA LEU A 114 18.86 -13.14 4.77
C LEU A 114 18.44 -14.47 5.37
N ASP A 115 18.79 -14.67 6.62
CA ASP A 115 18.33 -15.87 7.32
C ASP A 115 16.80 -15.90 7.38
N PHE A 116 16.22 -14.73 7.67
CA PHE A 116 14.77 -14.64 7.70
C PHE A 116 14.21 -14.96 6.33
N SER A 117 14.79 -14.40 5.28
CA SER A 117 14.29 -14.71 3.93
C SER A 117 14.39 -16.18 3.59
N LYS A 118 15.49 -16.84 3.96
CA LYS A 118 15.65 -18.27 3.67
C LYS A 118 14.68 -19.12 4.49
N TYR A 119 14.48 -18.74 5.78
CA TYR A 119 13.50 -19.48 6.59
C TYR A 119 12.12 -19.42 5.98
N MET A 120 11.69 -18.22 5.59
CA MET A 120 10.37 -18.07 4.96
C MET A 120 10.23 -18.88 3.69
N GLN A 121 11.27 -18.78 2.86
CA GLN A 121 11.27 -19.48 1.58
C GLN A 121 11.26 -20.98 1.71
N THR A 122 12.09 -21.51 2.60
CA THR A 122 12.15 -22.97 2.82
C THR A 122 10.81 -23.49 3.30
N ASN A 123 10.08 -22.62 4.03
CA ASN A 123 8.81 -23.06 4.57
C ASN A 123 7.58 -22.75 3.70
N GLY A 124 7.83 -22.31 2.48
CA GLY A 124 6.86 -22.09 1.47
C GLY A 124 6.17 -20.74 1.49
N ALA A 125 6.74 -19.73 2.15
CA ALA A 125 6.23 -18.36 2.14
C ALA A 125 7.34 -17.40 1.71
N PRO A 126 7.80 -17.54 0.49
CA PRO A 126 8.90 -16.66 0.02
C PRO A 126 8.51 -15.19 0.01
N LEU A 127 9.56 -14.41 0.32
CA LEU A 127 9.41 -12.97 0.28
C LEU A 127 9.54 -12.44 -1.15
N TYR A 128 8.81 -11.34 -1.37
CA TYR A 128 8.95 -10.52 -2.57
C TYR A 128 9.93 -9.38 -2.35
N ALA A 129 9.82 -8.72 -1.20
CA ALA A 129 10.61 -7.55 -0.85
C ALA A 129 10.97 -7.56 0.62
N ILE A 130 12.04 -6.86 0.91
CA ILE A 130 12.56 -6.77 2.27
C ILE A 130 13.03 -5.32 2.50
N SER A 131 12.69 -4.81 3.66
CA SER A 131 13.10 -3.47 4.06
C SER A 131 14.28 -3.56 5.01
N ILE A 132 15.15 -2.56 4.94
CA ILE A 132 16.31 -2.50 5.82
C ILE A 132 15.98 -2.04 7.25
N GLN A 133 14.98 -1.18 7.40
CA GLN A 133 14.62 -0.57 8.66
C GLN A 133 13.25 0.10 8.65
N ASN A 134 12.50 -0.12 9.70
CA ASN A 134 11.25 0.63 9.95
C ASN A 134 11.51 2.00 10.56
N GLU A 135 10.97 3.06 10.04
CA GLU A 135 10.98 4.38 10.62
C GLU A 135 12.29 4.78 11.30
N PRO A 136 13.36 4.91 10.53
CA PRO A 136 14.68 5.26 11.04
C PRO A 136 14.74 6.66 11.69
N ASP A 137 13.69 7.44 11.51
CA ASP A 137 13.56 8.78 12.06
C ASP A 137 12.62 8.81 13.26
N TRP A 138 12.35 7.66 13.87
CA TRP A 138 11.47 7.58 15.04
C TRP A 138 12.12 6.68 16.10
N LYS A 139 12.12 7.09 17.36
CA LYS A 139 12.81 6.35 18.42
C LYS A 139 11.90 6.19 19.64
N PRO A 140 10.82 5.42 19.47
CA PRO A 140 9.85 5.18 20.54
C PRO A 140 10.30 4.11 21.51
N ASP A 141 9.45 3.85 22.51
CA ASP A 141 9.79 2.96 23.62
C ASP A 141 9.41 1.54 23.28
N TYR A 142 9.55 1.20 22.00
CA TYR A 142 9.42 -0.16 21.51
C TYR A 142 10.50 -0.35 20.42
N GLU A 143 10.53 -1.52 19.79
CA GLU A 143 11.58 -1.89 18.82
C GLU A 143 11.76 -0.78 17.79
N SER A 144 13.00 -0.30 17.75
CA SER A 144 13.31 0.82 16.85
C SER A 144 14.83 0.88 16.64
N CYS A 145 15.24 1.61 15.65
CA CYS A 145 16.67 1.71 15.34
C CYS A 145 16.92 2.93 14.47
N GLU A 146 17.86 3.80 14.85
CA GLU A 146 17.99 5.07 14.17
C GLU A 146 19.06 4.97 13.09
N TRP A 147 18.81 5.57 11.94
CA TRP A 147 19.72 5.68 10.84
C TRP A 147 19.59 7.05 10.13
N SER A 148 20.72 7.50 9.60
CA SER A 148 20.70 8.59 8.66
C SER A 148 20.75 8.06 7.23
N GLY A 149 20.36 8.93 6.28
CA GLY A 149 20.47 8.53 4.91
C GLY A 149 21.87 8.18 4.45
N ASP A 150 22.89 8.83 5.02
CA ASP A 150 24.27 8.50 4.67
C ASP A 150 24.65 7.11 5.19
N GLU A 151 24.05 6.72 6.33
CA GLU A 151 24.28 5.37 6.84
C GLU A 151 23.61 4.35 5.93
N PHE A 152 22.41 4.64 5.42
CA PHE A 152 21.79 3.73 4.47
C PHE A 152 22.68 3.59 3.23
N LYS A 153 23.23 4.72 2.81
CA LYS A 153 24.08 4.75 1.63
C LYS A 153 25.32 3.89 1.83
N SER A 154 25.97 4.05 2.99
CA SER A 154 27.15 3.22 3.26
C SER A 154 26.82 1.73 3.34
N TYR A 155 25.75 1.42 4.05
CA TYR A 155 25.25 0.08 4.17
C TYR A 155 25.02 -0.55 2.79
N LEU A 156 24.28 0.16 1.96
CA LEU A 156 23.90 -0.44 0.68
C LEU A 156 25.07 -0.61 -0.28
N LYS A 157 26.02 0.33 -0.24
CA LYS A 157 27.20 0.17 -1.06
C LYS A 157 27.97 -1.08 -0.70
N SER A 158 28.03 -1.43 0.58
CA SER A 158 28.78 -2.61 1.00
C SER A 158 27.95 -3.89 0.98
N GLN A 159 26.64 -3.86 1.22
CA GLN A 159 25.84 -5.06 1.49
C GLN A 159 24.80 -5.38 0.44
N GLY A 160 24.54 -4.36 -0.40
CA GLY A 160 23.37 -4.37 -1.26
C GLY A 160 23.32 -5.51 -2.26
N SER A 161 24.48 -5.86 -2.77
CA SER A 161 24.58 -6.91 -3.77
C SER A 161 24.15 -8.25 -3.17
N LYS A 162 24.26 -8.42 -1.86
CA LYS A 162 23.97 -9.74 -1.27
C LYS A 162 22.48 -10.12 -1.30
N PHE A 163 21.59 -9.13 -1.50
CA PHE A 163 20.17 -9.40 -1.48
C PHE A 163 19.69 -10.09 -2.74
N GLY A 164 20.49 -10.10 -3.80
CA GLY A 164 20.14 -10.86 -4.98
C GLY A 164 18.82 -10.41 -5.57
N SER A 165 17.90 -11.32 -5.86
CA SER A 165 16.65 -10.91 -6.51
C SER A 165 15.59 -10.40 -5.54
N LEU A 166 15.91 -10.42 -4.24
CA LEU A 166 14.94 -9.84 -3.29
C LEU A 166 14.84 -8.34 -3.60
N LYS A 167 13.65 -7.77 -3.56
CA LYS A 167 13.51 -6.34 -3.82
C LYS A 167 13.71 -5.55 -2.52
N VAL A 168 14.74 -4.71 -2.50
CA VAL A 168 15.09 -3.98 -1.31
C VAL A 168 14.31 -2.67 -1.25
N ILE A 169 13.76 -2.43 -0.06
CA ILE A 169 13.03 -1.22 0.30
C ILE A 169 13.85 -0.33 1.24
N VAL A 170 13.96 0.96 0.96
CA VAL A 170 14.42 1.96 1.93
C VAL A 170 13.49 3.17 1.79
N ALA A 171 13.36 4.02 2.79
CA ALA A 171 13.85 3.94 4.14
C ALA A 171 12.72 3.74 5.15
N GLU A 172 11.47 3.65 4.69
CA GLU A 172 10.28 3.58 5.56
C GLU A 172 10.28 4.71 6.60
N SER A 173 10.60 5.92 6.14
CA SER A 173 10.45 7.10 7.00
C SER A 173 9.02 7.31 7.50
N LEU A 174 8.95 7.68 8.76
CA LEU A 174 7.71 7.94 9.46
C LEU A 174 6.79 8.80 8.63
N GLY A 175 7.37 9.83 8.02
CA GLY A 175 6.61 10.76 7.26
C GLY A 175 7.04 10.93 5.82
N PHE A 176 7.63 9.89 5.29
CA PHE A 176 8.04 9.84 3.89
C PHE A 176 8.97 11.00 3.59
N ASN A 177 9.86 11.34 4.51
CA ASN A 177 10.78 12.48 4.37
C ASN A 177 11.88 12.15 3.39
N PRO A 178 12.01 12.88 2.29
CA PRO A 178 13.07 12.62 1.30
C PRO A 178 14.48 12.71 1.85
N ALA A 179 14.67 13.36 2.97
CA ALA A 179 16.02 13.49 3.55
C ALA A 179 16.65 12.14 3.83
N LEU A 180 15.83 11.14 4.14
CA LEU A 180 16.36 9.82 4.46
C LEU A 180 16.82 9.01 3.25
N THR A 181 16.24 9.35 2.09
CA THR A 181 16.49 8.55 0.90
C THR A 181 17.21 9.33 -0.19
N ASP A 182 17.19 10.66 -0.21
CA ASP A 182 17.95 11.40 -1.22
C ASP A 182 19.43 11.02 -1.27
N PRO A 183 20.14 10.90 -0.13
CA PRO A 183 21.54 10.48 -0.25
C PRO A 183 21.71 9.16 -1.02
N VAL A 184 20.81 8.21 -0.86
CA VAL A 184 20.89 6.92 -1.54
C VAL A 184 20.68 7.09 -3.04
N LEU A 185 19.64 7.87 -3.39
CA LEU A 185 19.28 7.99 -4.80
C LEU A 185 20.27 8.82 -5.60
N LYS A 186 21.02 9.71 -4.94
CA LYS A 186 22.03 10.51 -5.60
C LYS A 186 23.33 9.76 -5.78
N ASP A 187 23.48 8.59 -5.15
CA ASP A 187 24.69 7.81 -5.36
C ASP A 187 24.35 6.54 -6.13
N SER A 188 24.77 6.50 -7.39
CA SER A 188 24.47 5.35 -8.21
C SER A 188 24.96 4.01 -7.66
N ASP A 189 26.01 4.02 -6.83
CA ASP A 189 26.51 2.74 -6.34
C ASP A 189 25.64 2.16 -5.23
N ALA A 190 24.91 3.04 -4.58
CA ALA A 190 23.95 2.64 -3.55
C ALA A 190 22.59 2.39 -4.23
N SER A 191 22.22 3.32 -5.12
CA SER A 191 20.89 3.29 -5.72
C SER A 191 20.62 2.02 -6.52
N LYS A 192 21.66 1.47 -7.14
CA LYS A 192 21.49 0.30 -8.00
C LYS A 192 20.94 -0.92 -7.26
N TYR A 193 21.07 -0.96 -5.92
CA TYR A 193 20.60 -2.11 -5.17
C TYR A 193 19.21 -1.93 -4.56
N VAL A 194 18.62 -0.77 -4.72
CA VAL A 194 17.30 -0.44 -4.23
C VAL A 194 16.26 -0.62 -5.33
N SER A 195 15.14 -1.29 -5.00
CA SER A 195 14.08 -1.47 -6.00
C SER A 195 12.90 -0.56 -5.68
N ILE A 196 12.64 -0.34 -4.40
CA ILE A 196 11.45 0.32 -3.93
C ILE A 196 11.81 1.39 -2.92
N ILE A 197 11.26 2.57 -3.12
CA ILE A 197 11.34 3.62 -2.12
C ILE A 197 10.06 3.55 -1.31
N GLY A 198 10.17 3.17 -0.04
CA GLY A 198 8.97 3.04 0.78
C GLY A 198 8.91 4.06 1.88
N GLY A 199 7.71 4.48 2.21
CA GLY A 199 7.51 5.45 3.28
C GLY A 199 6.15 5.32 3.94
N HIS A 200 6.04 5.95 5.10
CA HIS A 200 4.79 6.00 5.86
C HIS A 200 4.21 7.41 5.79
N LEU A 201 2.97 7.59 6.20
CA LEU A 201 2.29 8.88 6.05
C LEU A 201 1.98 9.54 7.38
N TYR A 202 2.68 9.17 8.45
CA TYR A 202 2.32 9.78 9.73
C TYR A 202 2.71 11.26 9.75
N GLY A 203 1.71 12.08 10.06
CA GLY A 203 1.88 13.51 10.13
C GLY A 203 2.01 14.20 8.80
N THR A 204 1.70 13.48 7.71
CA THR A 204 1.83 14.09 6.39
C THR A 204 0.70 13.64 5.47
N THR A 205 0.81 14.12 4.24
CA THR A 205 -0.09 13.77 3.16
C THR A 205 0.73 13.22 1.99
N PRO A 206 0.12 12.41 1.15
CA PRO A 206 0.84 11.92 -0.02
C PRO A 206 1.33 13.05 -0.88
N LYS A 207 2.55 12.87 -1.38
CA LYS A 207 3.12 13.79 -2.33
C LYS A 207 3.98 13.05 -3.35
N PRO A 208 4.12 13.56 -4.58
CA PRO A 208 5.05 13.01 -5.56
C PRO A 208 6.50 13.10 -5.04
N TYR A 209 7.35 12.23 -5.57
CA TYR A 209 8.78 12.15 -5.25
C TYR A 209 9.51 12.00 -6.57
N PRO A 210 9.70 13.11 -7.26
CA PRO A 210 10.33 13.06 -8.58
C PRO A 210 11.68 12.38 -8.63
N LEU A 211 12.58 12.64 -7.68
CA LEU A 211 13.88 11.99 -7.76
C LEU A 211 13.71 10.47 -7.75
N ALA A 212 12.88 9.90 -6.87
CA ALA A 212 12.68 8.47 -6.82
C ALA A 212 12.13 7.94 -8.13
N GLN A 213 11.14 8.63 -8.69
CA GLN A 213 10.53 8.25 -9.97
C GLN A 213 11.52 8.30 -11.13
N ASN A 214 12.33 9.36 -11.19
CA ASN A 214 13.21 9.48 -12.35
C ASN A 214 14.32 8.46 -12.29
N ALA A 215 14.60 7.94 -11.10
CA ALA A 215 15.62 6.91 -10.85
C ALA A 215 15.08 5.52 -11.17
N GLY A 216 13.79 5.48 -11.49
CA GLY A 216 13.09 4.30 -11.90
C GLY A 216 12.73 3.37 -10.75
N LYS A 217 12.59 3.93 -9.56
CA LYS A 217 12.19 3.12 -8.41
C LYS A 217 10.67 3.16 -8.30
N GLN A 218 10.04 2.12 -7.80
CA GLN A 218 8.62 2.25 -7.46
C GLN A 218 8.51 2.88 -6.07
N LEU A 219 7.40 3.58 -5.91
CA LEU A 219 7.09 4.21 -4.63
C LEU A 219 6.02 3.36 -3.96
N TRP A 220 6.27 2.91 -2.73
CA TRP A 220 5.27 2.18 -1.96
C TRP A 220 5.01 2.90 -0.65
N MET A 221 3.75 2.99 -0.28
CA MET A 221 3.32 3.52 0.99
C MET A 221 3.13 2.29 1.86
N THR A 222 4.07 2.03 2.77
CA THR A 222 4.13 0.70 3.40
C THR A 222 3.48 0.65 4.77
N GLU A 223 3.00 1.75 5.31
CA GLU A 223 2.24 1.73 6.55
C GLU A 223 1.53 3.04 6.84
N HIS A 224 0.23 2.91 7.07
CA HIS A 224 -0.53 4.02 7.64
C HIS A 224 -1.87 3.49 8.13
N TYR A 225 -2.50 4.29 8.96
CA TYR A 225 -3.88 4.17 9.33
C TYR A 225 -4.40 5.59 9.63
N VAL A 226 -5.72 5.75 9.58
CA VAL A 226 -6.39 6.99 9.94
C VAL A 226 -7.01 6.81 11.32
N ASP A 227 -7.14 7.89 12.07
CA ASP A 227 -7.74 8.10 13.35
C ASP A 227 -8.24 6.83 14.02
N SER A 228 -7.30 6.27 14.79
CA SER A 228 -7.55 4.99 15.46
C SER A 228 -8.54 5.06 16.61
N LYS A 229 -8.91 6.26 17.06
CA LYS A 229 -9.89 6.28 18.16
C LYS A 229 -11.32 6.09 17.64
N GLN A 230 -11.50 6.04 16.33
CA GLN A 230 -12.79 5.88 15.71
C GLN A 230 -13.07 4.40 15.40
N SER A 231 -14.34 4.03 15.51
CA SER A 231 -14.75 2.74 15.00
C SER A 231 -14.50 2.70 13.49
N ALA A 232 -14.10 1.58 12.94
CA ALA A 232 -13.90 1.45 11.51
C ALA A 232 -15.22 1.55 10.75
N ASN A 233 -16.36 1.55 11.43
CA ASN A 233 -17.66 1.67 10.79
C ASN A 233 -18.28 3.06 10.89
N ASN A 234 -17.54 3.99 11.45
CA ASN A 234 -17.93 5.41 11.47
C ASN A 234 -17.69 5.98 10.07
N TRP A 235 -18.74 6.32 9.34
CA TRP A 235 -18.59 6.70 7.92
C TRP A 235 -17.85 8.03 7.75
N THR A 236 -18.05 8.98 8.66
CA THR A 236 -17.41 10.30 8.63
C THR A 236 -15.89 10.20 8.57
N SER A 237 -15.43 9.18 9.28
CA SER A 237 -14.02 8.91 9.34
C SER A 237 -13.58 8.01 8.20
N ALA A 238 -14.38 6.99 7.87
CA ALA A 238 -13.95 6.04 6.85
C ALA A 238 -13.77 6.66 5.47
N ILE A 239 -14.55 7.69 5.15
CA ILE A 239 -14.44 8.30 3.84
C ILE A 239 -13.06 8.94 3.68
N GLU A 240 -12.44 9.33 4.80
CA GLU A 240 -11.09 9.87 4.77
C GLU A 240 -10.08 8.84 4.27
N VAL A 241 -10.36 7.57 4.42
CA VAL A 241 -9.53 6.53 3.80
C VAL A 241 -9.55 6.67 2.27
N GLY A 242 -10.71 6.96 1.73
CA GLY A 242 -10.88 7.15 0.29
C GLY A 242 -10.06 8.33 -0.20
N THR A 243 -10.14 9.45 0.52
CA THR A 243 -9.37 10.66 0.21
C THR A 243 -7.88 10.37 0.12
N GLU A 244 -7.37 9.65 1.11
CA GLU A 244 -5.96 9.30 1.22
C GLU A 244 -5.54 8.31 0.15
N LEU A 245 -6.40 7.34 -0.20
CA LEU A 245 -6.09 6.41 -1.29
C LEU A 245 -6.03 7.19 -2.61
N ASN A 246 -6.99 8.08 -2.83
CA ASN A 246 -6.92 8.86 -4.07
C ASN A 246 -5.62 9.65 -4.15
N ALA A 247 -5.26 10.35 -3.07
CA ALA A 247 -4.03 11.16 -3.04
C ALA A 247 -2.77 10.33 -3.28
N SER A 248 -2.79 9.15 -2.67
CA SER A 248 -1.66 8.22 -2.86
C SER A 248 -1.51 7.84 -4.33
N MET A 249 -2.63 7.53 -4.98
CA MET A 249 -2.56 7.14 -6.37
C MET A 249 -2.13 8.30 -7.27
N VAL A 250 -2.62 9.49 -7.01
CA VAL A 250 -2.21 10.68 -7.76
C VAL A 250 -0.73 11.03 -7.56
N SER A 251 -0.17 10.63 -6.42
CA SER A 251 1.23 10.80 -6.05
C SER A 251 2.14 9.74 -6.67
N ASN A 252 1.58 8.89 -7.53
CA ASN A 252 2.27 7.89 -8.31
C ASN A 252 2.74 6.70 -7.44
N TYR A 253 2.08 6.48 -6.31
CA TYR A 253 2.43 5.28 -5.55
C TYR A 253 1.94 4.02 -6.23
N SER A 254 2.77 2.99 -6.23
CA SER A 254 2.42 1.70 -6.84
C SER A 254 1.78 0.72 -5.86
N ALA A 255 1.93 1.00 -4.56
CA ALA A 255 1.36 0.16 -3.54
C ALA A 255 0.95 0.99 -2.33
N TYR A 256 -0.09 0.52 -1.65
CA TYR A 256 -0.58 1.14 -0.43
C TYR A 256 -0.84 0.00 0.57
N VAL A 257 -0.19 0.06 1.70
CA VAL A 257 -0.26 -1.01 2.73
C VAL A 257 -0.76 -0.42 4.03
N TRP A 258 -1.96 -0.79 4.44
CA TRP A 258 -2.53 -0.44 5.73
C TRP A 258 -1.76 -1.13 6.86
N TRP A 259 -2.04 -0.65 8.06
CA TRP A 259 -1.54 -1.26 9.29
C TRP A 259 -2.35 -2.51 9.56
N TYR A 260 -2.57 -2.87 10.84
CA TYR A 260 -3.22 -4.13 11.17
C TYR A 260 -4.51 -4.38 10.41
N ILE A 261 -4.60 -5.51 9.73
CA ILE A 261 -5.78 -5.81 8.90
C ILE A 261 -7.03 -5.89 9.77
N ARG A 262 -6.96 -6.64 10.85
CA ARG A 262 -8.05 -6.82 11.79
C ARG A 262 -7.79 -5.99 13.05
N ARG A 263 -8.66 -5.03 13.33
CA ARG A 263 -8.51 -4.12 14.48
C ARG A 263 -9.82 -3.34 14.60
N SER A 264 -10.11 -2.81 15.77
CA SER A 264 -11.28 -1.98 15.91
C SER A 264 -11.36 -0.81 14.94
N TYR A 265 -10.23 -0.33 14.43
CA TYR A 265 -10.19 0.77 13.49
C TYR A 265 -9.67 0.28 12.14
N GLY A 266 -9.64 -1.06 11.96
CA GLY A 266 -9.08 -1.70 10.80
C GLY A 266 -9.99 -2.05 9.63
N LEU A 267 -9.49 -2.86 8.72
CA LEU A 267 -10.20 -3.28 7.52
C LEU A 267 -11.25 -4.35 7.81
N LEU A 268 -10.95 -5.19 8.76
CA LEU A 268 -11.87 -6.13 9.39
C LEU A 268 -12.02 -5.67 10.85
N THR A 269 -13.22 -5.64 11.38
CA THR A 269 -13.37 -5.48 12.84
C THR A 269 -13.10 -6.79 13.59
N GLU A 270 -13.10 -6.68 14.94
CA GLU A 270 -12.70 -7.83 15.76
C GLU A 270 -13.68 -8.98 15.66
N ASP A 271 -14.86 -8.77 15.10
CA ASP A 271 -15.77 -9.89 14.86
C ASP A 271 -15.43 -10.59 13.55
N GLY A 272 -14.41 -10.16 12.84
CA GLY A 272 -13.93 -10.71 11.59
C GLY A 272 -14.72 -10.22 10.38
N LYS A 273 -15.65 -9.29 10.57
CA LYS A 273 -16.44 -8.76 9.44
C LYS A 273 -15.77 -7.56 8.75
N VAL A 274 -16.01 -7.39 7.44
CA VAL A 274 -15.45 -6.24 6.75
C VAL A 274 -16.07 -4.98 7.30
N SER A 275 -15.24 -3.97 7.50
CA SER A 275 -15.67 -2.67 7.97
C SER A 275 -15.87 -1.70 6.82
N LYS A 276 -16.45 -0.54 7.16
CA LYS A 276 -16.58 0.51 6.18
C LYS A 276 -15.21 0.89 5.60
N ARG A 277 -14.19 0.94 6.46
CA ARG A 277 -12.84 1.25 5.92
C ARG A 277 -12.41 0.16 4.96
N GLY A 278 -12.73 -1.09 5.27
CA GLY A 278 -12.40 -2.21 4.38
C GLY A 278 -13.16 -2.18 3.09
N TYR A 279 -14.42 -1.78 3.12
CA TYR A 279 -15.18 -1.62 1.87
C TYR A 279 -14.61 -0.49 1.03
N VAL A 280 -14.18 0.62 1.63
CA VAL A 280 -13.54 1.69 0.88
C VAL A 280 -12.28 1.18 0.20
N MET A 281 -11.46 0.47 0.99
CA MET A 281 -10.26 -0.11 0.38
C MET A 281 -10.62 -1.01 -0.80
N SER A 282 -11.66 -1.80 -0.68
CA SER A 282 -12.07 -2.74 -1.72
C SER A 282 -12.54 -2.01 -2.97
N GLN A 283 -13.07 -0.80 -2.89
CA GLN A 283 -13.44 -0.03 -4.09
C GLN A 283 -12.24 0.16 -4.98
N TYR A 284 -11.06 0.17 -4.38
CA TYR A 284 -9.83 0.20 -5.16
C TYR A 284 -9.33 -1.21 -5.39
N ALA A 285 -9.13 -2.01 -4.35
CA ALA A 285 -8.38 -3.25 -4.46
C ALA A 285 -9.10 -4.36 -5.21
N ARG A 286 -10.44 -4.43 -5.14
CA ARG A 286 -11.16 -5.44 -5.92
C ARG A 286 -11.16 -5.16 -7.43
N PHE A 287 -11.01 -3.90 -7.82
CA PHE A 287 -11.20 -3.48 -9.21
C PHE A 287 -9.95 -3.02 -9.93
N VAL A 288 -8.98 -2.48 -9.22
CA VAL A 288 -7.69 -2.04 -9.73
C VAL A 288 -6.68 -3.12 -9.32
N ARG A 289 -6.56 -4.10 -10.21
CA ARG A 289 -5.78 -5.31 -9.93
C ARG A 289 -4.30 -5.14 -10.24
N PRO A 290 -3.51 -6.02 -9.63
CA PRO A 290 -2.05 -5.97 -9.90
C PRO A 290 -1.77 -5.95 -11.40
N GLY A 291 -0.88 -5.02 -11.77
CA GLY A 291 -0.52 -4.88 -13.18
C GLY A 291 -1.20 -3.74 -13.90
N ALA A 292 -2.22 -3.21 -13.22
CA ALA A 292 -2.93 -2.09 -13.84
C ALA A 292 -2.02 -0.90 -14.04
N LEU A 293 -2.33 -0.12 -15.06
CA LEU A 293 -1.67 1.15 -15.27
C LEU A 293 -2.65 2.27 -14.96
N ARG A 294 -2.21 3.23 -14.14
CA ARG A 294 -2.99 4.47 -13.97
C ARG A 294 -2.88 5.31 -15.24
N ILE A 295 -3.99 5.92 -15.65
CA ILE A 295 -4.05 6.68 -16.89
C ILE A 295 -4.52 8.10 -16.65
N GLN A 296 -4.38 8.97 -17.64
CA GLN A 296 -4.75 10.36 -17.53
C GLN A 296 -6.27 10.55 -17.36
N ALA A 297 -6.62 11.30 -16.33
CA ALA A 297 -8.02 11.59 -16.07
C ALA A 297 -8.09 12.84 -15.19
N THR A 298 -8.98 13.71 -15.57
CA THR A 298 -9.20 14.93 -14.81
C THR A 298 -9.41 14.60 -13.35
N GLU A 299 -8.49 15.02 -12.49
CA GLU A 299 -8.44 14.56 -11.10
C GLU A 299 -9.45 15.26 -10.20
N ASN A 300 -9.77 16.51 -10.46
CA ASN A 300 -10.63 17.30 -9.58
C ASN A 300 -11.59 18.12 -10.46
N PRO A 301 -12.52 17.41 -11.07
CA PRO A 301 -13.39 18.03 -12.07
C PRO A 301 -14.32 19.11 -11.53
N GLN A 302 -14.60 18.97 -10.24
CA GLN A 302 -15.47 19.90 -9.57
C GLN A 302 -15.17 19.88 -8.07
N SER A 303 -15.65 20.86 -7.31
CA SER A 303 -15.37 20.97 -5.89
C SER A 303 -15.74 19.69 -5.14
N ASN A 304 -14.82 19.13 -4.37
CA ASN A 304 -14.99 17.98 -3.49
C ASN A 304 -15.33 16.69 -4.24
N VAL A 305 -14.89 16.58 -5.48
CA VAL A 305 -14.81 15.36 -6.28
C VAL A 305 -13.36 15.17 -6.73
N HIS A 306 -12.79 14.04 -6.35
CA HIS A 306 -11.48 13.57 -6.76
C HIS A 306 -11.59 12.18 -7.36
N LEU A 307 -10.81 11.99 -8.44
CA LEU A 307 -10.85 10.68 -9.09
C LEU A 307 -9.56 10.33 -9.81
N THR A 308 -9.42 9.03 -10.02
CA THR A 308 -8.31 8.43 -10.75
C THR A 308 -8.91 7.39 -11.70
N ALA A 309 -8.17 6.98 -12.72
CA ALA A 309 -8.61 6.00 -13.69
C ALA A 309 -7.42 5.13 -14.10
N TYR A 310 -7.76 3.89 -14.48
CA TYR A 310 -6.85 2.79 -14.62
C TYR A 310 -7.24 1.95 -15.84
N LYS A 311 -6.21 1.31 -16.42
CA LYS A 311 -6.51 0.22 -17.33
C LYS A 311 -5.91 -1.07 -16.76
N ASN A 312 -6.73 -2.10 -16.57
CA ASN A 312 -6.26 -3.39 -16.06
C ASN A 312 -5.64 -4.19 -17.17
N THR A 313 -4.89 -5.24 -16.83
CA THR A 313 -4.21 -6.04 -17.84
C THR A 313 -5.18 -6.80 -18.74
N ASP A 314 -6.39 -6.99 -18.23
CA ASP A 314 -7.43 -7.67 -19.03
C ASP A 314 -8.20 -6.71 -19.92
N GLY A 315 -7.75 -5.45 -19.95
CA GLY A 315 -8.44 -4.55 -20.85
C GLY A 315 -9.56 -3.78 -20.19
N LYS A 316 -9.91 -4.07 -18.95
CA LYS A 316 -10.97 -3.25 -18.32
C LYS A 316 -10.51 -1.87 -17.87
N MET A 317 -11.29 -0.84 -18.26
CA MET A 317 -11.09 0.47 -17.64
C MET A 317 -11.84 0.59 -16.31
N VAL A 318 -11.18 1.20 -15.34
CA VAL A 318 -11.76 1.45 -14.04
C VAL A 318 -11.54 2.90 -13.66
N ILE A 319 -12.58 3.49 -13.10
CA ILE A 319 -12.59 4.84 -12.56
C ILE A 319 -13.02 4.78 -11.08
N VAL A 320 -12.21 5.41 -10.23
CA VAL A 320 -12.54 5.39 -8.80
C VAL A 320 -12.65 6.85 -8.37
N ALA A 321 -13.80 7.24 -7.84
CA ALA A 321 -14.11 8.63 -7.52
C ALA A 321 -14.56 8.77 -6.08
N VAL A 322 -14.04 9.83 -5.48
CA VAL A 322 -14.40 10.17 -4.11
C VAL A 322 -15.23 11.45 -4.12
N ASN A 323 -16.43 11.39 -3.60
CA ASN A 323 -17.31 12.53 -3.49
C ASN A 323 -17.55 12.93 -2.05
N THR A 324 -16.94 14.03 -1.64
CA THR A 324 -17.16 14.45 -0.26
C THR A 324 -18.17 15.58 -0.18
N ASN A 325 -18.97 15.80 -1.22
CA ASN A 325 -20.14 16.61 -1.11
C ASN A 325 -21.30 15.79 -0.55
N ASP A 326 -22.15 16.47 0.19
CA ASP A 326 -23.38 15.88 0.65
C ASP A 326 -24.49 16.09 -0.36
N SER A 327 -24.18 15.76 -1.61
CA SER A 327 -25.11 15.95 -2.70
C SER A 327 -24.69 15.06 -3.87
N ASP A 328 -25.72 14.74 -4.68
CA ASP A 328 -25.43 14.00 -5.89
C ASP A 328 -24.58 14.85 -6.85
N GLN A 329 -23.63 14.19 -7.50
CA GLN A 329 -22.71 14.87 -8.42
C GLN A 329 -22.68 14.20 -9.77
N MET A 330 -22.81 15.03 -10.81
CA MET A 330 -22.79 14.45 -12.16
C MET A 330 -21.40 14.62 -12.77
N LEU A 331 -20.97 13.59 -13.49
CA LEU A 331 -19.73 13.66 -14.23
C LEU A 331 -20.04 13.47 -15.71
N SER A 332 -19.38 14.27 -16.54
CA SER A 332 -19.50 14.13 -17.99
C SER A 332 -18.18 13.55 -18.49
N LEU A 333 -18.19 12.25 -18.80
CA LEU A 333 -16.92 11.60 -19.15
C LEU A 333 -16.63 11.84 -20.62
N ASN A 334 -15.37 12.13 -20.90
CA ASN A 334 -14.99 12.22 -22.31
C ASN A 334 -13.73 11.38 -22.48
N ILE A 335 -13.91 10.24 -23.12
CA ILE A 335 -12.82 9.26 -23.14
C ILE A 335 -12.11 9.18 -24.48
N SER A 336 -10.78 9.22 -24.45
CA SER A 336 -10.04 9.07 -25.72
C SER A 336 -9.18 7.80 -25.71
N ASN A 337 -9.01 7.25 -26.93
CA ASN A 337 -8.08 6.15 -27.15
C ASN A 337 -8.45 4.87 -26.42
N ALA A 338 -9.76 4.61 -26.30
CA ALA A 338 -10.26 3.43 -25.61
C ALA A 338 -11.37 2.74 -26.41
N ASN A 339 -11.70 1.52 -26.03
CA ASN A 339 -12.78 0.73 -26.66
C ASN A 339 -13.72 0.32 -25.53
N VAL A 340 -14.52 1.24 -25.04
CA VAL A 340 -15.42 1.02 -23.92
C VAL A 340 -16.85 1.27 -24.36
N THR A 341 -17.80 0.39 -24.03
CA THR A 341 -19.15 0.77 -24.42
C THR A 341 -20.05 0.92 -23.22
N LYS A 342 -19.65 0.55 -22.01
CA LYS A 342 -20.56 0.74 -20.88
C LYS A 342 -19.71 0.64 -19.61
N PHE A 343 -20.22 1.29 -18.58
CA PHE A 343 -19.69 1.21 -17.24
C PHE A 343 -20.75 0.67 -16.28
N GLU A 344 -20.31 -0.20 -15.36
CA GLU A 344 -21.09 -0.67 -14.24
C GLU A 344 -20.63 0.15 -13.01
N LYS A 345 -21.58 0.57 -12.18
CA LYS A 345 -21.37 1.39 -11.00
C LYS A 345 -21.52 0.62 -9.69
N TYR A 346 -20.55 0.80 -8.81
CA TYR A 346 -20.51 0.18 -7.50
C TYR A 346 -20.06 1.22 -6.48
N SER A 347 -20.87 1.33 -5.45
CA SER A 347 -20.67 2.39 -4.47
C SER A 347 -20.61 1.90 -3.02
N THR A 348 -19.79 2.61 -2.26
CA THR A 348 -19.77 2.53 -0.81
C THR A 348 -20.05 3.92 -0.27
N SER A 349 -20.96 3.94 0.71
CA SER A 349 -21.46 5.15 1.31
C SER A 349 -21.85 4.84 2.74
N ALA A 350 -22.48 5.75 3.46
CA ALA A 350 -22.99 5.41 4.76
C ALA A 350 -23.96 4.23 4.73
N SER A 351 -24.66 4.04 3.59
CA SER A 351 -25.66 2.98 3.65
C SER A 351 -25.42 1.83 2.68
N LEU A 352 -24.45 1.93 1.79
CA LEU A 352 -24.12 0.91 0.81
C LEU A 352 -22.72 0.37 1.03
N ASN A 353 -22.59 -0.91 0.79
CA ASN A 353 -21.29 -1.56 0.78
C ASN A 353 -21.00 -2.14 -0.60
N VAL A 354 -20.24 -1.46 -1.43
CA VAL A 354 -19.90 -1.94 -2.77
C VAL A 354 -21.13 -2.45 -3.50
N GLU A 355 -22.18 -1.64 -3.52
CA GLU A 355 -23.45 -2.00 -4.12
C GLU A 355 -23.63 -1.49 -5.54
N TYR A 356 -24.17 -2.40 -6.34
CA TYR A 356 -24.36 -2.13 -7.74
C TYR A 356 -25.36 -1.00 -7.90
N GLY A 357 -25.04 -0.05 -8.77
CA GLY A 357 -25.93 1.07 -8.91
C GLY A 357 -26.43 1.31 -10.32
N GLY A 358 -26.26 0.33 -11.21
CA GLY A 358 -26.73 0.41 -12.58
C GLY A 358 -25.59 0.63 -13.56
N SER A 359 -25.91 0.69 -14.85
CA SER A 359 -24.99 0.77 -15.96
C SER A 359 -25.15 2.11 -16.70
N SER A 360 -24.09 2.58 -17.31
CA SER A 360 -24.14 3.76 -18.16
C SER A 360 -23.49 3.42 -19.51
N GLN A 361 -24.19 3.84 -20.54
CA GLN A 361 -23.77 3.73 -21.91
C GLN A 361 -22.81 4.86 -22.27
N VAL A 362 -21.74 4.48 -22.94
CA VAL A 362 -20.75 5.34 -23.57
C VAL A 362 -21.06 5.42 -25.06
N ASP A 363 -21.27 6.62 -25.61
CA ASP A 363 -21.61 6.70 -27.04
C ASP A 363 -20.37 6.43 -27.88
N SER A 364 -20.54 6.44 -29.21
CA SER A 364 -19.41 6.04 -30.04
C SER A 364 -18.36 7.15 -30.19
N SER A 365 -18.57 8.34 -29.64
CA SER A 365 -17.57 9.38 -29.51
C SER A 365 -16.92 9.38 -28.13
N GLY A 366 -17.14 8.34 -27.33
CA GLY A 366 -16.50 8.21 -26.05
C GLY A 366 -17.13 9.06 -24.96
N LYS A 367 -18.37 9.47 -25.07
CA LYS A 367 -19.08 10.19 -24.02
C LYS A 367 -20.13 9.40 -23.25
N ALA A 368 -20.11 9.67 -21.94
CA ALA A 368 -21.04 9.07 -20.98
C ALA A 368 -21.29 10.02 -19.80
N THR A 369 -22.47 9.97 -19.23
CA THR A 369 -22.81 10.65 -18.00
C THR A 369 -23.00 9.64 -16.86
N VAL A 370 -22.30 9.96 -15.78
CA VAL A 370 -22.43 9.10 -14.61
C VAL A 370 -22.69 9.99 -13.40
N TRP A 371 -23.27 9.42 -12.36
CA TRP A 371 -23.63 10.13 -11.14
C TRP A 371 -23.01 9.50 -9.89
N LEU A 372 -22.55 10.37 -9.00
CA LEU A 372 -21.98 9.97 -7.73
C LEU A 372 -22.98 10.27 -6.63
N ASN A 373 -23.24 9.29 -5.79
CA ASN A 373 -24.14 9.49 -4.66
C ASN A 373 -23.44 10.39 -3.65
N PRO A 374 -24.18 11.00 -2.73
CA PRO A 374 -23.56 11.83 -1.72
C PRO A 374 -22.60 11.05 -0.80
N LEU A 375 -21.50 11.70 -0.45
CA LEU A 375 -20.55 11.20 0.53
C LEU A 375 -20.23 9.71 0.31
N SER A 376 -19.64 9.47 -0.86
CA SER A 376 -19.46 8.11 -1.34
C SER A 376 -18.10 7.89 -1.99
N VAL A 377 -17.71 6.64 -2.08
CA VAL A 377 -16.59 6.18 -2.90
C VAL A 377 -17.20 5.27 -3.95
N THR A 378 -16.97 5.61 -5.21
CA THR A 378 -17.65 4.94 -6.28
C THR A 378 -16.64 4.44 -7.30
N THR A 379 -16.86 3.23 -7.77
CA THR A 379 -16.04 2.65 -8.82
C THR A 379 -16.89 2.33 -10.03
N PHE A 380 -16.38 2.72 -11.21
CA PHE A 380 -16.96 2.40 -12.49
C PHE A 380 -16.01 1.43 -13.19
N VAL A 381 -16.59 0.34 -13.66
CA VAL A 381 -15.80 -0.70 -14.29
C VAL A 381 -16.38 -0.96 -15.69
N SER A 382 -15.57 -0.98 -16.76
CA SER A 382 -16.13 -1.15 -18.10
C SER A 382 -16.59 -2.59 -18.28
N LYS A 383 -17.57 -2.83 -19.13
CA LYS A 383 -18.02 -4.21 -19.35
C LYS A 383 -17.74 -4.58 -20.80
#